data_6D7Y
#
_entry.id   6D7Y
#
_cell.length_a   76.579
_cell.length_b   76.579
_cell.length_c   61.441
_cell.angle_alpha   90.00
_cell.angle_beta   90.00
_cell.angle_gamma   120.00
#
_symmetry.space_group_name_H-M   'P 63'
#
loop_
_entity.id
_entity.type
_entity.pdbx_description
1 polymer Hemagglutinin
2 polymer 'immune protein'
3 water water
#
loop_
_entity_poly.entity_id
_entity_poly.type
_entity_poly.pdbx_seq_one_letter_code
_entity_poly.pdbx_strand_id
1 'polypeptide(L)'
;IKTVLDTAQAPYKGSTVIGHALSKHAGRHPEIWGKVKGS(MSE)SGWNEQA(MSE)KHFKEIVRAPGEFRPT(MSE)NEK
GITFLEKRLIDGRGVRLNLDGTFKGFID
;
A
2 'polypeptide(L)'
;(MSE)KELFEVIFEGVNTSRLFFLLKEIESKSDRIFDFNFSEDFFSSNVNVFSELLIDSFLGFNGDLYFGVS(MSE)EGF
SVKDGLKLPVVLLRVLKYEGGVDVGLCFY(MSE)NDFNSAGKV(MSE)LEFQKY(MSE)NGISADFGFENFYGGLEPASD
QETRFFTNNRLGPLL
;
B
#
# COMPACT_ATOMS: atom_id res chain seq x y z
N LEU A 5 -12.40 -13.22 -11.57
CA LEU A 5 -11.30 -12.44 -12.19
C LEU A 5 -11.67 -10.96 -12.41
N ASP A 6 -12.97 -10.65 -12.45
CA ASP A 6 -13.46 -9.28 -12.66
C ASP A 6 -13.12 -8.33 -11.53
N THR A 7 -13.11 -8.84 -10.29
CA THR A 7 -12.72 -8.05 -9.13
C THR A 7 -11.20 -7.83 -9.12
N ALA A 8 -10.48 -8.91 -9.37
CA ALA A 8 -9.04 -8.86 -9.40
C ALA A 8 -8.50 -7.94 -10.52
N GLN A 9 -9.06 -8.09 -11.73
CA GLN A 9 -8.59 -7.34 -12.89
C GLN A 9 -9.33 -6.03 -13.16
N ALA A 10 -10.06 -5.52 -12.17
CA ALA A 10 -10.75 -4.27 -12.32
C ALA A 10 -9.71 -3.17 -12.38
N PRO A 11 -9.76 -2.30 -13.43
CA PRO A 11 -8.85 -1.17 -13.57
C PRO A 11 -8.89 -0.28 -12.34
N TYR A 12 -7.73 0.02 -11.77
CA TYR A 12 -7.70 0.84 -10.57
C TYR A 12 -6.38 1.58 -10.46
N LYS A 13 -6.48 2.90 -10.43
CA LYS A 13 -5.33 3.79 -10.26
C LYS A 13 -4.03 3.40 -10.98
N GLY A 14 -4.10 3.29 -12.31
CA GLY A 14 -2.94 2.96 -13.15
C GLY A 14 -2.62 1.50 -13.38
N SER A 15 -3.28 0.62 -12.64
CA SER A 15 -3.07 -0.81 -12.78
C SER A 15 -4.42 -1.48 -12.51
N THR A 16 -4.39 -2.59 -11.75
CA THR A 16 -5.59 -3.30 -11.34
C THR A 16 -5.49 -3.59 -9.84
N VAL A 17 -6.60 -4.00 -9.23
CA VAL A 17 -6.57 -4.35 -7.80
C VAL A 17 -5.47 -5.39 -7.56
N ILE A 18 -5.40 -6.42 -8.38
CA ILE A 18 -4.39 -7.47 -8.18
C ILE A 18 -2.97 -7.01 -8.52
N GLY A 19 -2.83 -6.11 -9.50
CA GLY A 19 -1.52 -5.58 -9.85
C GLY A 19 -0.96 -4.77 -8.69
N HIS A 20 -1.79 -3.92 -8.10
CA HIS A 20 -1.35 -3.14 -6.93
C HIS A 20 -0.99 -4.07 -5.75
N ALA A 21 -1.78 -5.12 -5.57
CA ALA A 21 -1.50 -6.07 -4.49
C ALA A 21 -0.13 -6.71 -4.67
N LEU A 22 0.20 -7.13 -5.89
CA LEU A 22 1.52 -7.73 -6.12
C LEU A 22 2.59 -6.68 -5.86
N SER A 23 2.36 -5.47 -6.37
CA SER A 23 3.32 -4.37 -6.19
C SER A 23 3.74 -4.15 -4.74
N LYS A 24 2.78 -4.12 -3.83
CA LYS A 24 3.07 -3.91 -2.40
C LYS A 24 3.75 -5.12 -1.79
N HIS A 25 3.28 -6.31 -2.17
CA HIS A 25 3.85 -7.55 -1.62
C HIS A 25 5.26 -7.85 -2.13
N ALA A 26 5.47 -7.72 -3.43
CA ALA A 26 6.83 -7.89 -3.98
C ALA A 26 7.75 -6.78 -3.46
N GLY A 27 7.19 -5.59 -3.18
CA GLY A 27 7.98 -4.49 -2.63
C GLY A 27 8.51 -4.77 -1.23
N ARG A 28 7.69 -5.38 -0.37
CA ARG A 28 8.13 -5.72 0.99
C ARG A 28 8.83 -7.08 1.07
N HIS A 29 8.46 -8.03 0.20
CA HIS A 29 9.03 -9.38 0.20
C HIS A 29 9.39 -9.94 -1.19
N PRO A 30 10.43 -9.35 -1.83
CA PRO A 30 10.85 -9.84 -3.16
C PRO A 30 11.33 -11.29 -3.15
N GLU A 31 11.77 -11.78 -1.99
CA GLU A 31 12.21 -13.18 -1.88
C GLU A 31 11.05 -14.20 -2.05
N ILE A 32 9.84 -13.77 -1.73
CA ILE A 32 8.64 -14.59 -1.84
C ILE A 32 7.98 -14.41 -3.20
N TRP A 33 7.88 -13.16 -3.65
CA TRP A 33 7.17 -12.86 -4.91
C TRP A 33 8.04 -12.64 -6.12
N GLY A 34 9.31 -12.32 -5.92
CA GLY A 34 10.18 -11.94 -7.03
C GLY A 34 9.94 -10.44 -7.26
N LYS A 35 10.98 -9.71 -7.68
CA LYS A 35 10.82 -8.28 -7.93
C LYS A 35 9.87 -7.97 -9.09
N VAL A 36 9.09 -6.91 -8.93
CA VAL A 36 8.19 -6.46 -9.97
C VAL A 36 8.96 -5.38 -10.72
N LYS A 37 9.01 -5.48 -12.04
CA LYS A 37 9.70 -4.48 -12.84
C LYS A 37 8.83 -4.12 -14.03
N GLY A 38 9.15 -3.01 -14.65
CA GLY A 38 8.43 -2.54 -15.82
C GLY A 38 7.20 -1.74 -15.51
N SER A 39 6.58 -1.28 -16.58
CA SER A 39 5.37 -0.45 -16.56
C SER A 39 4.26 -0.96 -15.65
N MSE A 40 3.51 -0.02 -15.08
CA MSE A 40 2.37 -0.35 -14.25
C MSE A 40 1.43 -1.20 -15.06
O MSE A 40 0.71 -2.03 -14.50
CB MSE A 40 1.65 0.91 -13.77
CG MSE A 40 2.43 1.68 -12.71
SE MSE A 40 1.40 3.27 -12.10
CE MSE A 40 0.25 2.21 -10.90
N SER A 41 1.44 -1.02 -16.39
CA SER A 41 0.59 -1.82 -17.29
C SER A 41 0.89 -3.32 -17.22
N GLY A 42 2.13 -3.68 -16.90
CA GLY A 42 2.53 -5.09 -16.82
C GLY A 42 2.24 -5.79 -15.49
N TRP A 43 2.02 -5.02 -14.43
CA TRP A 43 1.75 -5.55 -13.07
C TRP A 43 0.62 -6.56 -13.03
N ASN A 44 -0.47 -6.25 -13.72
CA ASN A 44 -1.62 -7.14 -13.72
C ASN A 44 -1.27 -8.53 -14.23
N GLU A 45 -0.54 -8.60 -15.35
CA GLU A 45 -0.19 -9.90 -15.90
C GLU A 45 0.75 -10.69 -14.99
N GLN A 46 1.70 -10.01 -14.36
CA GLN A 46 2.64 -10.69 -13.45
C GLN A 46 1.90 -11.20 -12.22
N ALA A 47 0.87 -10.45 -11.83
CA ALA A 47 0.07 -10.82 -10.66
C ALA A 47 -0.87 -11.97 -10.98
N MSE A 48 -1.40 -12.00 -12.21
CA MSE A 48 -2.29 -13.06 -12.63
C MSE A 48 -1.51 -14.35 -12.75
O MSE A 48 -2.08 -15.42 -12.52
CB MSE A 48 -2.98 -12.73 -13.96
CG MSE A 48 -4.12 -11.73 -13.78
SE MSE A 48 -5.57 -12.34 -12.58
CE MSE A 48 -5.74 -14.18 -13.30
N LYS A 49 -0.23 -14.26 -13.09
CA LYS A 49 0.63 -15.45 -13.17
C LYS A 49 0.75 -16.09 -11.78
N HIS A 50 1.06 -15.27 -10.77
CA HIS A 50 1.13 -15.75 -9.39
C HIS A 50 -0.19 -16.34 -8.93
N PHE A 51 -1.28 -15.62 -9.20
CA PHE A 51 -2.60 -16.07 -8.84
C PHE A 51 -2.87 -17.48 -9.37
N LYS A 52 -2.71 -17.66 -10.69
CA LYS A 52 -2.92 -18.97 -11.31
C LYS A 52 -2.00 -20.05 -10.73
N GLU A 53 -0.76 -19.69 -10.44
CA GLU A 53 0.16 -20.64 -9.82
C GLU A 53 -0.32 -21.10 -8.44
N ILE A 54 -0.76 -20.14 -7.63
CA ILE A 54 -1.25 -20.44 -6.27
C ILE A 54 -2.48 -21.32 -6.32
N VAL A 55 -3.38 -21.04 -7.25
CA VAL A 55 -4.59 -21.83 -7.43
C VAL A 55 -4.28 -23.27 -7.85
N ARG A 56 -3.32 -23.47 -8.75
CA ARG A 56 -3.01 -24.84 -9.22
C ARG A 56 -2.10 -25.65 -8.29
N ALA A 57 -1.39 -24.98 -7.39
CA ALA A 57 -0.49 -25.65 -6.46
C ALA A 57 -1.24 -26.49 -5.43
N PRO A 58 -0.59 -27.53 -4.87
CA PRO A 58 -1.26 -28.31 -3.84
C PRO A 58 -1.48 -27.47 -2.56
N GLY A 59 -2.41 -27.92 -1.74
CA GLY A 59 -2.77 -27.22 -0.54
C GLY A 59 -4.22 -26.91 -0.74
N GLU A 60 -4.83 -26.24 0.21
CA GLU A 60 -6.25 -25.95 0.10
C GLU A 60 -6.62 -24.56 0.59
N PHE A 61 -7.75 -24.06 0.08
CA PHE A 61 -8.32 -22.87 0.62
C PHE A 61 -9.03 -23.29 1.91
N ARG A 62 -8.98 -22.42 2.90
CA ARG A 62 -9.66 -22.65 4.16
C ARG A 62 -10.40 -21.38 4.61
N PRO A 63 -11.67 -21.52 5.05
CA PRO A 63 -12.38 -20.36 5.61
C PRO A 63 -11.63 -20.01 6.90
N THR A 64 -11.26 -18.76 7.06
CA THR A 64 -10.45 -18.29 8.17
C THR A 64 -10.98 -16.97 8.71
N MSE A 65 -11.30 -16.93 10.00
CA MSE A 65 -11.84 -15.71 10.62
C MSE A 65 -10.76 -15.03 11.41
O MSE A 65 -9.97 -15.67 12.10
CB MSE A 65 -13.05 -16.02 11.56
CG MSE A 65 -13.84 -14.74 11.91
SE MSE A 65 -15.24 -15.20 13.24
CE MSE A 65 -16.82 -14.96 12.08
N ASN A 66 -10.72 -13.70 11.34
CA ASN A 66 -9.72 -12.95 12.08
C ASN A 66 -10.30 -12.42 13.40
N GLU A 67 -9.48 -11.70 14.16
CA GLU A 67 -9.90 -11.15 15.45
C GLU A 67 -11.04 -10.15 15.40
N LYS A 68 -11.30 -9.54 14.25
CA LYS A 68 -12.39 -8.55 14.11
C LYS A 68 -13.67 -9.16 13.58
N GLY A 69 -13.71 -10.48 13.49
CA GLY A 69 -14.88 -11.18 13.01
C GLY A 69 -15.11 -11.23 11.52
N ILE A 70 -14.10 -10.91 10.72
N ILE A 70 -14.09 -10.89 10.73
CA ILE A 70 -14.24 -10.95 9.28
CA ILE A 70 -14.20 -10.93 9.28
C ILE A 70 -13.65 -12.27 8.80
C ILE A 70 -13.68 -12.30 8.85
N THR A 71 -14.41 -12.97 7.97
CA THR A 71 -14.02 -14.30 7.44
C THR A 71 -13.65 -14.25 5.96
N PHE A 72 -12.58 -14.94 5.60
CA PHE A 72 -12.11 -14.99 4.24
C PHE A 72 -11.77 -16.42 3.86
N LEU A 73 -11.62 -16.67 2.56
CA LEU A 73 -11.14 -17.98 2.09
C LEU A 73 -9.67 -17.76 1.81
N GLU A 74 -8.80 -18.53 2.44
CA GLU A 74 -7.37 -18.35 2.31
C GLU A 74 -6.61 -19.60 1.96
N LYS A 75 -5.74 -19.49 0.97
CA LYS A 75 -4.84 -20.57 0.58
C LYS A 75 -3.43 -20.02 0.74
N ARG A 76 -2.62 -20.65 1.61
CA ARG A 76 -1.24 -20.24 1.83
C ARG A 76 -0.33 -21.39 1.43
N LEU A 77 0.66 -21.09 0.59
CA LEU A 77 1.57 -22.10 0.10
C LEU A 77 2.77 -22.21 0.97
N ILE A 78 3.39 -23.37 0.90
CA ILE A 78 4.61 -23.61 1.65
C ILE A 78 5.71 -22.58 1.22
N ASP A 79 5.69 -22.11 -0.04
CA ASP A 79 6.68 -21.13 -0.54
C ASP A 79 6.46 -19.67 -0.06
N GLY A 80 5.44 -19.46 0.79
CA GLY A 80 5.19 -18.16 1.38
C GLY A 80 4.13 -17.31 0.73
N ARG A 81 3.80 -17.62 -0.53
CA ARG A 81 2.77 -16.90 -1.23
C ARG A 81 1.39 -17.44 -0.85
N GLY A 82 0.40 -16.57 -0.91
CA GLY A 82 -0.93 -16.97 -0.60
C GLY A 82 -1.94 -16.03 -1.21
N VAL A 83 -3.19 -16.47 -1.26
CA VAL A 83 -4.31 -15.65 -1.80
C VAL A 83 -5.45 -15.66 -0.80
N ARG A 84 -6.07 -14.49 -0.65
CA ARG A 84 -7.20 -14.29 0.23
C ARG A 84 -8.35 -13.85 -0.66
N LEU A 85 -9.46 -14.54 -0.51
CA LEU A 85 -10.68 -14.25 -1.21
C LEU A 85 -11.77 -13.88 -0.21
N ASN A 86 -12.68 -13.02 -0.64
CA ASN A 86 -13.85 -12.76 0.16
C ASN A 86 -14.71 -14.01 0.10
N LEU A 87 -15.67 -14.13 1.01
CA LEU A 87 -16.55 -15.30 1.04
C LEU A 87 -17.35 -15.53 -0.25
N ASP A 88 -17.57 -14.47 -1.03
CA ASP A 88 -18.28 -14.62 -2.32
C ASP A 88 -17.33 -15.06 -3.46
N GLY A 89 -16.07 -15.36 -3.13
CA GLY A 89 -15.09 -15.78 -4.13
C GLY A 89 -14.33 -14.66 -4.84
N THR A 90 -14.67 -13.40 -4.55
CA THR A 90 -13.94 -12.31 -5.18
C THR A 90 -12.57 -12.14 -4.55
N PHE A 91 -11.63 -11.65 -5.35
CA PHE A 91 -10.27 -11.42 -4.88
C PHE A 91 -10.21 -10.34 -3.80
N LYS A 92 -9.54 -10.63 -2.70
CA LYS A 92 -9.34 -9.65 -1.61
C LYS A 92 -7.89 -9.16 -1.66
N GLY A 93 -6.95 -10.08 -1.67
CA GLY A 93 -5.56 -9.70 -1.71
C GLY A 93 -4.61 -10.87 -1.66
N PHE A 94 -3.33 -10.55 -1.81
CA PHE A 94 -2.29 -11.54 -1.62
C PHE A 94 -1.96 -11.53 -0.13
N ILE A 95 -1.44 -12.64 0.39
CA ILE A 95 -1.07 -12.74 1.78
C ILE A 95 0.24 -13.50 1.88
N ASP A 96 1.00 -13.17 2.91
CA ASP A 96 2.31 -13.80 3.16
C ASP A 96 2.59 -13.69 4.65
N MSE B 1 -2.85 -13.50 13.05
CA MSE B 1 -1.77 -13.55 12.04
C MSE B 1 -1.25 -12.19 11.68
O MSE B 1 -1.98 -11.19 11.77
CB MSE B 1 -2.32 -14.13 10.73
CG MSE B 1 -2.97 -15.49 10.92
SE MSE B 1 -1.52 -16.75 11.27
CE MSE B 1 -1.73 -16.93 13.22
N LYS B 2 0.03 -12.13 11.27
CA LYS B 2 0.66 -10.88 10.82
C LYS B 2 -0.04 -10.47 9.52
N GLU B 3 -0.34 -9.18 9.39
CA GLU B 3 -1.09 -8.66 8.25
C GLU B 3 -0.48 -7.38 7.75
N LEU B 4 -0.66 -7.10 6.46
CA LEU B 4 -0.18 -5.89 5.87
C LEU B 4 -1.29 -4.83 5.98
N PHE B 5 -0.94 -3.69 6.57
CA PHE B 5 -1.88 -2.57 6.72
C PHE B 5 -1.39 -1.39 5.90
N GLU B 6 -2.29 -0.44 5.63
CA GLU B 6 -1.85 0.71 4.91
C GLU B 6 -2.71 1.94 5.18
N VAL B 7 -2.09 3.10 5.03
CA VAL B 7 -2.78 4.38 5.11
C VAL B 7 -2.50 5.07 3.79
N ILE B 8 -3.49 5.84 3.32
CA ILE B 8 -3.40 6.49 2.04
C ILE B 8 -3.82 7.96 2.08
N PHE B 9 -3.01 8.80 1.43
CA PHE B 9 -3.35 10.22 1.21
C PHE B 9 -3.84 10.17 -0.25
N GLU B 10 -5.16 10.29 -0.45
CA GLU B 10 -5.74 10.17 -1.79
C GLU B 10 -5.97 11.53 -2.44
N GLY B 11 -5.57 11.65 -3.71
CA GLY B 11 -5.74 12.90 -4.46
C GLY B 11 -4.96 14.06 -3.88
N VAL B 12 -3.65 13.89 -3.80
CA VAL B 12 -2.78 14.91 -3.22
C VAL B 12 -2.66 16.09 -4.19
N ASN B 13 -2.48 17.29 -3.64
CA ASN B 13 -2.29 18.50 -4.46
C ASN B 13 -0.89 18.39 -5.06
N THR B 14 -0.81 18.21 -6.38
CA THR B 14 0.50 18.01 -7.04
C THR B 14 1.52 19.13 -6.84
N SER B 15 1.05 20.33 -6.53
CA SER B 15 1.94 21.47 -6.24
C SER B 15 2.55 21.35 -4.83
N ARG B 16 1.94 20.54 -3.96
CA ARG B 16 2.39 20.36 -2.57
C ARG B 16 3.05 18.99 -2.35
N LEU B 17 3.04 18.14 -3.38
CA LEU B 17 3.62 16.78 -3.30
C LEU B 17 5.03 16.71 -2.70
N PHE B 18 5.97 17.43 -3.28
CA PHE B 18 7.35 17.43 -2.73
C PHE B 18 7.37 17.73 -1.23
N PHE B 19 6.64 18.75 -0.81
CA PHE B 19 6.63 19.15 0.60
C PHE B 19 5.94 18.12 1.50
N LEU B 20 4.93 17.44 0.95
CA LEU B 20 4.28 16.36 1.69
C LEU B 20 5.32 15.26 1.88
N LEU B 21 6.03 14.92 0.80
CA LEU B 21 7.04 13.85 0.88
C LEU B 21 8.14 14.19 1.87
N LYS B 22 8.59 15.46 1.91
CA LYS B 22 9.62 15.89 2.86
C LYS B 22 9.08 15.80 4.27
N GLU B 23 7.81 16.15 4.45
CA GLU B 23 7.11 16.07 5.74
C GLU B 23 7.12 14.62 6.25
N ILE B 24 6.72 13.69 5.38
CA ILE B 24 6.73 12.27 5.73
C ILE B 24 8.17 11.78 5.94
N GLU B 25 9.09 12.15 5.04
CA GLU B 25 10.50 11.73 5.16
C GLU B 25 11.16 12.15 6.48
N SER B 26 10.78 13.31 6.99
CA SER B 26 11.36 13.84 8.25
C SER B 26 10.99 13.05 9.51
N LYS B 27 9.94 12.24 9.44
N LYS B 27 9.95 12.24 9.42
CA LYS B 27 9.52 11.45 10.59
CA LYS B 27 9.48 11.42 10.53
C LYS B 27 10.20 10.07 10.62
C LYS B 27 10.22 10.08 10.63
N SER B 28 11.04 9.80 9.61
CA SER B 28 11.79 8.54 9.56
C SER B 28 13.28 8.72 9.82
N ASP B 29 13.94 7.61 10.16
CA ASP B 29 15.38 7.60 10.41
C ASP B 29 16.13 7.62 9.09
N ARG B 30 15.68 6.83 8.12
CA ARG B 30 16.33 6.79 6.81
C ARG B 30 15.46 6.19 5.74
N ILE B 31 15.82 6.45 4.49
CA ILE B 31 15.10 5.90 3.33
C ILE B 31 16.08 5.29 2.38
N PHE B 32 15.60 4.25 1.70
CA PHE B 32 16.41 3.48 0.79
C PHE B 32 15.49 2.65 -0.11
N ASP B 33 16.12 1.86 -0.97
CA ASP B 33 15.42 1.00 -1.91
C ASP B 33 14.44 1.77 -2.80
N PHE B 34 14.94 2.80 -3.46
CA PHE B 34 14.16 3.58 -4.40
C PHE B 34 13.83 2.67 -5.59
N ASN B 35 12.54 2.60 -5.94
CA ASN B 35 12.09 1.71 -7.03
C ASN B 35 11.07 2.47 -7.86
N PHE B 36 10.97 2.14 -9.15
CA PHE B 36 10.13 2.88 -10.11
C PHE B 36 9.57 2.03 -11.25
N SER B 37 8.42 2.41 -11.80
CA SER B 37 7.79 1.67 -12.91
C SER B 37 8.39 1.97 -14.30
N GLU B 38 9.10 3.08 -14.41
CA GLU B 38 9.88 3.43 -15.61
C GLU B 38 11.09 4.18 -15.07
N ASP B 39 12.27 3.94 -15.63
CA ASP B 39 13.48 4.64 -15.16
C ASP B 39 13.39 6.12 -15.60
N PHE B 40 12.70 6.91 -14.77
CA PHE B 40 12.47 8.32 -15.03
C PHE B 40 13.45 9.23 -14.29
N PHE B 41 14.11 8.71 -13.26
CA PHE B 41 15.04 9.52 -12.49
C PHE B 41 16.17 8.67 -11.92
N SER B 42 16.80 7.89 -12.80
CA SER B 42 17.92 6.99 -12.47
C SER B 42 17.59 5.94 -11.40
N SER B 43 18.62 5.23 -10.94
CA SER B 43 18.48 4.21 -9.91
C SER B 43 18.89 4.80 -8.55
N ASN B 44 20.01 5.51 -8.52
CA ASN B 44 20.51 6.14 -7.30
C ASN B 44 19.67 7.34 -6.85
N VAL B 45 18.86 7.12 -5.82
CA VAL B 45 18.04 8.17 -5.23
C VAL B 45 17.95 7.85 -3.74
N ASN B 46 18.64 8.64 -2.93
CA ASN B 46 18.68 8.43 -1.48
C ASN B 46 17.86 9.50 -0.73
N VAL B 47 17.50 10.59 -1.41
CA VAL B 47 16.71 11.68 -0.81
C VAL B 47 15.83 12.35 -1.84
N PHE B 48 14.72 12.92 -1.38
CA PHE B 48 13.80 13.60 -2.28
C PHE B 48 14.31 14.99 -2.65
N SER B 49 14.24 15.31 -3.93
CA SER B 49 14.63 16.61 -4.46
C SER B 49 13.42 17.12 -5.20
N GLU B 50 13.35 18.43 -5.39
CA GLU B 50 12.22 19.05 -6.08
C GLU B 50 12.15 18.67 -7.56
N LEU B 51 13.31 18.43 -8.17
CA LEU B 51 13.38 18.04 -9.60
C LEU B 51 12.93 16.59 -9.79
N LEU B 52 13.16 15.74 -8.79
CA LEU B 52 12.69 14.36 -8.84
C LEU B 52 11.17 14.34 -9.00
N ILE B 53 10.51 15.11 -8.15
CA ILE B 53 9.05 15.21 -8.16
C ILE B 53 8.54 15.88 -9.43
N ASP B 54 9.26 16.90 -9.91
CA ASP B 54 8.88 17.60 -11.12
C ASP B 54 8.90 16.64 -12.31
N SER B 55 9.95 15.82 -12.39
CA SER B 55 10.08 14.84 -13.47
C SER B 55 8.98 13.81 -13.36
N PHE B 56 8.69 13.38 -12.14
CA PHE B 56 7.62 12.41 -11.89
C PHE B 56 6.29 12.95 -12.40
N LEU B 57 6.00 14.21 -12.07
CA LEU B 57 4.74 14.85 -12.49
C LEU B 57 4.66 15.16 -13.97
N GLY B 58 5.81 15.41 -14.60
CA GLY B 58 5.83 15.72 -16.03
C GLY B 58 5.84 14.50 -16.92
N PHE B 59 5.94 13.30 -16.33
CA PHE B 59 6.00 12.08 -17.12
C PHE B 59 4.71 11.82 -17.90
N ASN B 60 4.87 11.56 -19.19
CA ASN B 60 3.74 11.30 -20.08
C ASN B 60 3.22 9.87 -19.86
N GLY B 61 2.22 9.73 -18.97
CA GLY B 61 1.61 8.43 -18.65
C GLY B 61 1.61 8.10 -17.15
N ASP B 62 0.94 7.00 -16.79
CA ASP B 62 0.87 6.56 -15.38
C ASP B 62 2.25 6.12 -14.91
N LEU B 63 2.60 6.49 -13.68
CA LEU B 63 3.92 6.22 -13.13
C LEU B 63 3.87 5.97 -11.63
N TYR B 64 4.75 5.10 -11.17
CA TYR B 64 4.87 4.76 -9.76
C TYR B 64 6.32 4.75 -9.36
N PHE B 65 6.55 5.12 -8.10
CA PHE B 65 7.87 4.91 -7.50
C PHE B 65 7.61 4.62 -6.03
N GLY B 66 8.49 3.84 -5.45
CA GLY B 66 8.37 3.49 -4.06
C GLY B 66 9.72 3.55 -3.41
N VAL B 67 9.69 3.61 -2.09
CA VAL B 67 10.89 3.69 -1.31
C VAL B 67 10.64 3.07 0.04
N SER B 68 11.62 2.36 0.57
CA SER B 68 11.51 1.78 1.89
C SER B 68 11.99 2.83 2.88
N MSE B 69 11.32 2.90 4.00
N MSE B 69 11.30 2.94 4.01
CA MSE B 69 11.63 3.87 5.03
CA MSE B 69 11.65 3.91 5.05
C MSE B 69 11.85 3.07 6.27
C MSE B 69 11.76 3.21 6.36
O MSE B 69 11.15 2.11 6.51
O MSE B 69 10.84 2.53 6.79
CB MSE B 69 10.39 4.79 5.10
CB MSE B 69 10.59 5.01 5.21
CG MSE B 69 10.48 5.86 6.18
CG MSE B 69 10.21 5.61 3.87
SE MSE B 69 9.13 7.32 5.94
SE MSE B 69 9.14 7.22 4.19
CE MSE B 69 9.78 7.94 4.19
CE MSE B 69 7.58 6.35 5.04
N GLU B 70 12.87 3.43 7.03
CA GLU B 70 13.16 2.79 8.31
C GLU B 70 12.99 3.78 9.44
N GLY B 71 12.42 3.28 10.55
CA GLY B 71 12.24 4.08 11.76
C GLY B 71 11.27 5.22 11.58
N PHE B 72 10.06 4.92 11.12
CA PHE B 72 9.05 5.95 10.90
C PHE B 72 8.25 6.18 12.18
N SER B 73 8.31 7.39 12.74
CA SER B 73 7.56 7.70 13.97
C SER B 73 6.23 8.29 13.53
N VAL B 74 5.14 7.72 14.02
CA VAL B 74 3.81 8.18 13.62
C VAL B 74 3.36 9.36 14.50
N LYS B 75 3.17 9.09 15.79
CA LYS B 75 2.69 10.08 16.71
C LYS B 75 3.02 9.61 18.12
N ASP B 76 3.14 10.56 19.05
CA ASP B 76 3.40 10.30 20.47
C ASP B 76 4.45 9.21 20.79
N GLY B 77 5.51 9.14 19.99
CA GLY B 77 6.58 8.18 20.22
C GLY B 77 6.48 6.81 19.58
N LEU B 78 5.30 6.37 19.14
CA LEU B 78 5.23 5.02 18.52
C LEU B 78 5.92 5.08 17.16
N LYS B 79 6.75 4.07 16.89
CA LYS B 79 7.58 4.04 15.69
C LYS B 79 7.51 2.67 15.00
N LEU B 80 7.31 2.68 13.68
CA LEU B 80 7.21 1.45 12.89
C LEU B 80 8.61 1.11 12.37
N PRO B 81 9.07 -0.15 12.54
CA PRO B 81 10.41 -0.53 12.03
C PRO B 81 10.64 -0.32 10.52
N VAL B 82 9.71 -0.78 9.66
CA VAL B 82 9.88 -0.62 8.20
C VAL B 82 8.56 -0.31 7.48
N VAL B 83 8.56 0.73 6.64
CA VAL B 83 7.38 1.12 5.88
C VAL B 83 7.72 1.25 4.40
N LEU B 84 6.79 0.81 3.55
CA LEU B 84 6.93 0.96 2.10
C LEU B 84 6.11 2.21 1.73
N LEU B 85 6.76 3.23 1.19
CA LEU B 85 6.11 4.46 0.76
C LEU B 85 5.85 4.31 -0.71
N ARG B 86 4.61 4.55 -1.15
CA ARG B 86 4.24 4.41 -2.54
C ARG B 86 3.70 5.75 -3.04
N VAL B 87 4.18 6.18 -4.21
CA VAL B 87 3.72 7.42 -4.82
C VAL B 87 3.29 7.03 -6.20
N LEU B 88 2.05 7.34 -6.57
CA LEU B 88 1.56 6.93 -7.87
C LEU B 88 0.74 7.98 -8.55
N LYS B 89 0.95 8.16 -9.85
CA LYS B 89 0.14 9.13 -10.59
C LYS B 89 -0.64 8.31 -11.62
N TYR B 90 -1.94 8.60 -11.71
CA TYR B 90 -2.88 7.91 -12.60
C TYR B 90 -3.82 8.97 -13.18
N GLU B 91 -4.73 8.55 -14.06
CA GLU B 91 -5.67 9.49 -14.72
C GLU B 91 -6.39 10.44 -13.75
N GLY B 92 -6.81 9.92 -12.60
CA GLY B 92 -7.51 10.74 -11.61
C GLY B 92 -6.66 11.64 -10.71
N GLY B 93 -5.34 11.46 -10.70
CA GLY B 93 -4.48 12.29 -9.86
C GLY B 93 -3.28 11.56 -9.26
N VAL B 94 -2.92 11.93 -8.03
CA VAL B 94 -1.78 11.36 -7.33
C VAL B 94 -2.13 10.93 -5.89
N ASP B 95 -1.64 9.74 -5.50
CA ASP B 95 -1.84 9.22 -4.16
C ASP B 95 -0.46 8.94 -3.54
N VAL B 96 -0.38 9.04 -2.22
CA VAL B 96 0.82 8.75 -1.44
C VAL B 96 0.35 7.71 -0.43
N GLY B 97 0.98 6.53 -0.40
CA GLY B 97 0.56 5.52 0.52
C GLY B 97 1.70 4.97 1.31
N LEU B 98 1.38 4.52 2.52
CA LEU B 98 2.36 3.90 3.44
C LEU B 98 1.86 2.51 3.80
N CYS B 99 2.66 1.46 3.53
CA CYS B 99 2.25 0.08 3.82
C CYS B 99 3.23 -0.47 4.84
N PHE B 100 2.72 -1.18 5.83
CA PHE B 100 3.51 -1.76 6.93
C PHE B 100 2.80 -2.96 7.57
N TYR B 101 3.58 -3.96 8.02
CA TYR B 101 2.97 -5.09 8.68
C TYR B 101 2.76 -4.82 10.17
N MSE B 102 1.78 -5.51 10.76
CA MSE B 102 1.54 -5.46 12.21
C MSE B 102 1.26 -6.90 12.58
O MSE B 102 0.68 -7.64 11.80
CB MSE B 102 0.40 -4.56 12.67
CG MSE B 102 0.63 -3.09 12.30
SE MSE B 102 2.12 -2.24 13.31
CE MSE B 102 1.45 -2.51 15.15
N ASN B 103 1.66 -7.30 13.79
CA ASN B 103 1.46 -8.70 14.25
C ASN B 103 0.02 -9.05 14.62
N ASP B 104 -0.82 -8.06 14.89
CA ASP B 104 -2.21 -8.34 15.25
C ASP B 104 -3.08 -7.11 15.01
N PHE B 105 -4.40 -7.33 14.97
CA PHE B 105 -5.35 -6.23 14.71
C PHE B 105 -5.45 -5.22 15.85
N ASN B 106 -5.27 -5.68 17.08
CA ASN B 106 -5.34 -4.80 18.24
C ASN B 106 -4.23 -3.75 18.20
N SER B 107 -3.00 -4.17 17.92
CA SER B 107 -1.86 -3.24 17.86
C SER B 107 -2.01 -2.35 16.62
N ALA B 108 -2.46 -2.93 15.50
CA ALA B 108 -2.71 -2.15 14.27
C ALA B 108 -3.71 -1.03 14.55
N GLY B 109 -4.77 -1.33 15.28
CA GLY B 109 -5.81 -0.35 15.59
C GLY B 109 -5.28 0.86 16.33
N LYS B 110 -4.31 0.65 17.21
CA LYS B 110 -3.70 1.75 17.97
C LYS B 110 -2.89 2.65 17.05
N VAL B 111 -2.13 2.03 16.16
CA VAL B 111 -1.32 2.73 15.15
C VAL B 111 -2.24 3.51 14.19
N MSE B 112 -3.35 2.88 13.82
CA MSE B 112 -4.30 3.53 12.92
C MSE B 112 -4.86 4.81 13.50
O MSE B 112 -4.99 5.81 12.78
CB MSE B 112 -5.43 2.55 12.58
CG MSE B 112 -4.89 1.43 11.69
SE MSE B 112 -4.70 2.16 9.88
CE MSE B 112 -3.93 0.61 9.02
N LEU B 113 -5.24 4.79 14.77
CA LEU B 113 -5.78 5.99 15.41
C LEU B 113 -4.75 7.10 15.49
N GLU B 114 -3.49 6.73 15.67
CA GLU B 114 -2.41 7.72 15.66
C GLU B 114 -2.25 8.29 14.25
N PHE B 115 -2.33 7.44 13.22
CA PHE B 115 -2.26 7.94 11.85
C PHE B 115 -3.41 8.88 11.55
N GLN B 116 -4.62 8.51 12.00
CA GLN B 116 -5.80 9.36 11.78
C GLN B 116 -5.56 10.78 12.32
N LYS B 117 -5.03 10.86 13.54
CA LYS B 117 -4.74 12.16 14.16
C LYS B 117 -3.70 12.95 13.37
N TYR B 118 -2.59 12.27 13.06
CA TYR B 118 -1.50 12.86 12.29
C TYR B 118 -1.94 13.40 10.93
N MSE B 119 -2.68 12.60 10.19
CA MSE B 119 -3.15 12.99 8.84
C MSE B 119 -4.14 14.10 8.90
O MSE B 119 -4.07 15.05 8.10
CB MSE B 119 -3.75 11.76 8.12
CG MSE B 119 -2.66 10.73 7.84
SE MSE B 119 -3.44 8.98 7.36
CE MSE B 119 -2.97 9.09 5.46
N ASN B 120 -5.08 14.01 9.83
CA ASN B 120 -6.09 15.07 9.98
C ASN B 120 -5.38 16.39 10.30
N GLY B 121 -4.36 16.30 11.13
CA GLY B 121 -3.58 17.46 11.53
C GLY B 121 -2.87 18.19 10.40
N ILE B 122 -2.51 17.46 9.35
CA ILE B 122 -1.82 18.07 8.19
C ILE B 122 -2.69 18.19 6.93
N SER B 123 -3.96 17.83 7.03
N SER B 123 -3.96 17.84 7.04
CA SER B 123 -4.86 17.89 5.87
CA SER B 123 -4.89 17.90 5.91
C SER B 123 -5.03 19.32 5.35
C SER B 123 -4.98 19.32 5.36
N ALA B 124 -5.12 20.28 6.26
CA ALA B 124 -5.27 21.69 5.89
C ALA B 124 -4.03 22.33 5.27
N ASP B 125 -2.86 21.71 5.41
CA ASP B 125 -1.63 22.27 4.88
C ASP B 125 -1.21 21.70 3.54
N PHE B 126 -1.56 20.44 3.28
CA PHE B 126 -1.14 19.80 2.03
C PHE B 126 -2.26 19.56 1.02
N GLY B 127 -3.50 19.77 1.44
CA GLY B 127 -4.64 19.65 0.56
C GLY B 127 -4.85 18.37 -0.23
N PHE B 128 -4.95 17.25 0.48
CA PHE B 128 -5.26 15.97 -0.16
C PHE B 128 -6.78 15.76 -0.03
N GLU B 129 -7.42 15.16 -1.03
CA GLU B 129 -8.88 14.97 -1.03
C GLU B 129 -9.44 14.09 0.09
N ASN B 130 -8.80 12.96 0.36
CA ASN B 130 -9.24 12.06 1.41
C ASN B 130 -8.04 11.38 2.00
N PHE B 131 -8.22 10.88 3.22
CA PHE B 131 -7.17 10.08 3.91
C PHE B 131 -7.90 8.92 4.58
N TYR B 132 -7.31 7.73 4.58
CA TYR B 132 -7.99 6.58 5.16
C TYR B 132 -6.97 5.52 5.43
N GLY B 133 -7.36 4.56 6.26
CA GLY B 133 -6.45 3.49 6.65
C GLY B 133 -7.20 2.20 6.91
N GLY B 134 -6.54 1.08 6.61
CA GLY B 134 -7.17 -0.19 6.79
C GLY B 134 -6.27 -1.36 6.49
N LEU B 135 -6.87 -2.54 6.57
CA LEU B 135 -6.19 -3.77 6.18
C LEU B 135 -5.94 -3.60 4.70
N GLU B 136 -4.79 -4.03 4.20
CA GLU B 136 -4.50 -3.88 2.78
C GLU B 136 -5.50 -4.70 1.93
N PRO B 137 -6.11 -4.14 0.86
CA PRO B 137 -5.94 -2.76 0.43
C PRO B 137 -6.87 -1.81 1.19
N ALA B 138 -6.34 -0.66 1.61
CA ALA B 138 -7.08 0.32 2.39
C ALA B 138 -8.28 0.86 1.64
N SER B 139 -8.24 0.80 0.31
CA SER B 139 -9.38 1.25 -0.51
C SER B 139 -10.68 0.49 -0.16
N ASP B 140 -10.55 -0.74 0.33
CA ASP B 140 -11.72 -1.55 0.71
C ASP B 140 -12.36 -1.00 1.98
N GLN B 141 -13.55 -0.41 1.82
N GLN B 141 -13.53 -0.40 1.85
CA GLN B 141 -14.29 0.18 2.92
CA GLN B 141 -14.19 0.20 3.01
C GLN B 141 -14.55 -0.76 4.09
C GLN B 141 -14.56 -0.77 4.12
N GLU B 142 -14.85 -2.03 3.76
CA GLU B 142 -15.20 -3.03 4.78
C GLU B 142 -14.11 -3.36 5.80
N THR B 143 -12.85 -3.11 5.47
CA THR B 143 -11.76 -3.39 6.38
C THR B 143 -10.96 -2.15 6.81
N ARG B 144 -11.55 -0.97 6.72
CA ARG B 144 -10.91 0.22 7.19
C ARG B 144 -11.06 0.43 8.69
N PHE B 145 -10.08 1.13 9.24
CA PHE B 145 -10.07 1.58 10.65
C PHE B 145 -10.57 3.03 10.70
N PHE B 146 -10.34 3.76 9.62
CA PHE B 146 -10.84 5.13 9.55
C PHE B 146 -10.91 5.69 8.13
N THR B 147 -11.76 6.70 7.93
CA THR B 147 -11.83 7.41 6.67
C THR B 147 -12.01 8.85 7.10
N ASN B 148 -11.07 9.71 6.70
CA ASN B 148 -11.07 11.12 7.09
C ASN B 148 -11.23 11.27 8.61
N ASN B 149 -12.23 12.02 9.06
CA ASN B 149 -12.47 12.23 10.48
C ASN B 149 -13.50 11.25 11.07
N ARG B 150 -13.78 10.15 10.37
CA ARG B 150 -14.74 9.15 10.79
C ARG B 150 -14.06 7.86 11.20
N LEU B 151 -14.67 7.13 12.12
CA LEU B 151 -14.08 5.87 12.60
C LEU B 151 -14.72 4.63 12.08
N GLY B 152 -13.96 3.53 12.16
CA GLY B 152 -14.45 2.21 11.81
C GLY B 152 -14.40 1.98 10.33
N PRO B 153 -15.00 0.88 9.87
CA PRO B 153 -15.73 -0.10 10.67
C PRO B 153 -14.94 -0.99 11.61
N LEU B 154 -13.64 -1.14 11.43
CA LEU B 154 -12.86 -1.95 12.37
C LEU B 154 -12.48 -1.04 13.55
N LEU B 155 -12.64 -1.57 14.76
CA LEU B 155 -12.37 -0.82 16.00
C LEU B 155 -11.59 -1.71 16.98
#